data_3EF8
#
_entry.id   3EF8
#
_cell.length_a   59.851
_cell.length_b   59.851
_cell.length_c   237.504
_cell.angle_alpha   90.000
_cell.angle_beta   90.000
_cell.angle_gamma   120.000
#
_symmetry.space_group_name_H-M   'H 3'
#
loop_
_entity.id
_entity.type
_entity.pdbx_description
1 polymer 'Putative Scyalone Dehydratase'
2 non-polymer 'MAGNESIUM ION'
3 non-polymer DI(HYDROXYETHYL)ETHER
4 non-polymer 'TRIETHYLENE GLYCOL'
5 non-polymer 'TETRAETHYLENE GLYCOL'
6 water water
#
_entity_poly.entity_id   1
_entity_poly.type   'polypeptide(L)'
_entity_poly.pdbx_seq_one_letter_code
;G(MSE)TDTNLVE(MSE)RAIER(MSE)(MSE)FDYSYHLD(MSE)NHPEELAALFVEDCEVSYAPNFGATGRDAYKKTL
EGIGTFFRGTSHHNSNICIDFVSETEANVRSVVLAIHRYTKERPDGILYGQYFDTVVKVDGQWKFKRRELRTT(MSE)TT
DYHVRAANPIGRAE
;
_entity_poly.pdbx_strand_id   A,B
#
loop_
_chem_comp.id
_chem_comp.type
_chem_comp.name
_chem_comp.formula
MG non-polymer 'MAGNESIUM ION' 'Mg 2'
PEG non-polymer DI(HYDROXYETHYL)ETHER 'C4 H10 O3'
PG4 non-polymer 'TETRAETHYLENE GLYCOL' 'C8 H18 O5'
PGE non-polymer 'TRIETHYLENE GLYCOL' 'C6 H14 O4'
#
# COMPACT_ATOMS: atom_id res chain seq x y z
N MSE A 2 2.29 -5.19 6.33
CA MSE A 2 2.13 -6.47 7.06
C MSE A 2 0.72 -6.61 7.59
O MSE A 2 -0.17 -5.83 7.25
CB MSE A 2 3.11 -6.53 8.24
CG MSE A 2 2.69 -5.69 9.44
N THR A 3 0.56 -7.56 8.49
CA THR A 3 -0.77 -7.98 8.97
C THR A 3 -1.39 -6.85 9.76
N ASP A 4 -0.57 -6.41 10.70
CA ASP A 4 -0.90 -5.33 11.62
C ASP A 4 -1.27 -4.07 10.83
N THR A 5 -0.43 -3.75 9.85
CA THR A 5 -0.64 -2.57 8.99
C THR A 5 -1.94 -2.69 8.24
N ASN A 6 -2.14 -3.86 7.63
CA ASN A 6 -3.36 -4.08 6.84
C ASN A 6 -4.60 -3.90 7.71
N LEU A 7 -4.61 -4.46 8.90
CA LEU A 7 -5.80 -4.37 9.74
C LEU A 7 -6.13 -2.96 10.18
N VAL A 8 -5.11 -2.21 10.59
CA VAL A 8 -5.31 -0.87 11.04
C VAL A 8 -5.78 -0.02 9.89
N GLU A 9 -5.18 -0.20 8.72
CA GLU A 9 -5.51 0.66 7.58
C GLU A 9 -6.90 0.31 7.01
N MSE A 10 -7.34 -0.94 7.16
CA MSE A 10 -8.71 -1.29 6.74
C MSE A 10 -9.69 -0.48 7.56
O MSE A 10 -10.66 0.10 7.04
CB MSE A 10 -8.98 -2.77 6.88
CG MSE A 10 -8.32 -3.54 5.82
SE MSE A 10 -8.69 -5.45 6.01
CE MSE A 10 -10.46 -5.22 5.31
N ARG A 11 -9.44 -0.40 8.86
CA ARG A 11 -10.29 0.40 9.73
C ARG A 11 -10.27 1.86 9.34
N ALA A 12 -9.08 2.40 9.01
CA ALA A 12 -8.98 3.79 8.64
C ALA A 12 -9.67 4.13 7.33
N ILE A 13 -9.56 3.23 6.38
CA ILE A 13 -10.19 3.40 5.06
C ILE A 13 -11.72 3.39 5.26
N GLU A 14 -12.21 2.40 6.01
CA GLU A 14 -13.66 2.31 6.25
C GLU A 14 -14.12 3.58 6.95
N ARG A 15 -13.40 4.02 7.98
CA ARG A 15 -13.74 5.27 8.67
C ARG A 15 -13.85 6.45 7.71
N MSE A 16 -12.91 6.55 6.79
CA MSE A 16 -12.93 7.67 5.83
C MSE A 16 -14.15 7.59 4.97
O MSE A 16 -14.84 8.61 4.72
CB MSE A 16 -11.63 7.69 5.02
CG MSE A 16 -11.50 8.81 4.07
SE MSE A 16 -12.47 8.63 2.40
CE MSE A 16 -11.18 7.41 1.50
N MSE A 17 -14.49 6.37 4.53
CA MSE A 17 -15.66 6.17 3.68
C MSE A 17 -16.95 6.56 4.42
O MSE A 17 -17.88 7.11 3.82
CB MSE A 17 -15.74 4.75 3.16
CG MSE A 17 -14.50 4.38 2.28
SE MSE A 17 -14.44 2.55 1.81
CE MSE A 17 -15.99 2.36 0.63
N PHE A 18 -16.97 6.26 5.71
CA PHE A 18 -18.12 6.59 6.54
C PHE A 18 -18.17 8.05 6.83
N ASP A 19 -17.02 8.66 7.07
CA ASP A 19 -17.00 10.11 7.24
C ASP A 19 -17.50 10.80 5.99
N TYR A 20 -17.13 10.28 4.83
CA TYR A 20 -17.63 10.81 3.57
C TYR A 20 -19.16 10.80 3.47
N SER A 21 -19.74 9.65 3.78
CA SER A 21 -21.20 9.48 3.70
C SER A 21 -21.91 10.35 4.73
N TYR A 22 -21.29 10.48 5.89
CA TYR A 22 -21.81 11.37 6.95
C TYR A 22 -21.86 12.82 6.49
N HIS A 23 -20.71 13.30 6.04
CA HIS A 23 -20.66 14.67 5.57
C HIS A 23 -21.53 14.97 4.35
N LEU A 24 -21.80 13.95 3.56
CA LEU A 24 -22.69 14.06 2.43
C LEU A 24 -24.14 14.22 2.95
N ASP A 25 -24.55 13.34 3.88
CA ASP A 25 -25.90 13.42 4.44
C ASP A 25 -26.08 14.70 5.23
N MSE A 26 -24.99 15.27 5.72
CA MSE A 26 -25.01 16.54 6.50
C MSE A 26 -24.90 17.77 5.61
O MSE A 26 -24.99 18.90 6.10
CB MSE A 26 -23.89 16.58 7.50
CG MSE A 26 -23.99 15.54 8.55
SE MSE A 26 -25.45 15.98 9.84
CE MSE A 26 -24.52 17.47 10.68
N ASN A 27 -24.74 17.60 4.32
CA ASN A 27 -24.53 18.72 3.36
C ASN A 27 -23.29 19.55 3.74
N HIS A 28 -22.14 18.87 3.84
CA HIS A 28 -20.87 19.51 4.18
C HIS A 28 -19.90 19.35 3.00
N PRO A 29 -20.11 20.11 1.92
CA PRO A 29 -19.28 19.89 0.70
C PRO A 29 -17.78 20.13 0.87
N GLU A 30 -17.37 21.04 1.73
CA GLU A 30 -15.93 21.23 1.95
C GLU A 30 -15.27 20.08 2.66
N GLU A 31 -16.00 19.44 3.56
CA GLU A 31 -15.46 18.28 4.22
C GLU A 31 -15.33 17.17 3.19
N LEU A 32 -16.30 17.07 2.31
CA LEU A 32 -16.26 16.03 1.27
C LEU A 32 -15.05 16.20 0.39
N ALA A 33 -14.85 17.43 -0.08
CA ALA A 33 -13.72 17.70 -0.99
C ALA A 33 -12.37 17.48 -0.33
N ALA A 34 -12.30 17.59 0.98
CA ALA A 34 -11.04 17.36 1.71
C ALA A 34 -10.62 15.89 1.69
N LEU A 35 -11.55 15.03 1.28
CA LEU A 35 -11.32 13.58 1.24
C LEU A 35 -10.96 13.09 -0.15
N PHE A 36 -10.69 14.03 -1.05
CA PHE A 36 -10.23 13.71 -2.42
C PHE A 36 -8.88 14.39 -2.69
N VAL A 37 -8.00 13.65 -3.37
CA VAL A 37 -6.73 14.25 -3.85
C VAL A 37 -7.05 15.18 -4.99
N GLU A 38 -6.06 16.06 -5.27
CA GLU A 38 -6.25 17.02 -6.36
C GLU A 38 -6.45 16.37 -7.71
N ASP A 39 -5.67 15.32 -7.92
N ASP A 39 -5.61 15.40 -7.99
CA ASP A 39 -5.59 14.62 -9.21
CA ASP A 39 -5.67 14.70 -9.24
C ASP A 39 -6.54 13.43 -9.23
C ASP A 39 -6.46 13.43 -8.99
N CYS A 40 -7.76 13.67 -8.79
CA CYS A 40 -8.77 12.60 -8.69
C CYS A 40 -9.62 12.45 -9.93
N GLU A 41 -10.34 11.32 -9.96
CA GLU A 41 -11.34 11.04 -10.97
C GLU A 41 -12.56 10.45 -10.31
N VAL A 42 -13.70 10.89 -10.76
CA VAL A 42 -14.98 10.36 -10.32
C VAL A 42 -15.83 10.06 -11.54
N SER A 43 -16.40 8.86 -11.57
CA SER A 43 -17.26 8.42 -12.66
C SER A 43 -18.57 7.96 -12.12
N TYR A 44 -19.63 8.65 -12.53
CA TYR A 44 -20.98 8.26 -12.17
C TYR A 44 -21.78 7.70 -13.36
N ALA A 45 -21.32 7.98 -14.57
CA ALA A 45 -21.93 7.48 -15.82
C ALA A 45 -20.95 7.64 -16.99
N PRO A 46 -21.23 6.96 -18.10
CA PRO A 46 -20.21 6.94 -19.14
C PRO A 46 -19.91 8.33 -19.65
N ASN A 47 -20.83 9.24 -19.38
CA ASN A 47 -20.70 10.61 -19.85
C ASN A 47 -20.92 11.58 -18.70
N PHE A 48 -20.60 11.12 -17.50
CA PHE A 48 -20.79 11.96 -16.33
C PHE A 48 -19.89 11.68 -15.12
N GLY A 49 -19.11 12.69 -14.79
CA GLY A 49 -18.23 12.61 -13.65
C GLY A 49 -17.42 13.85 -13.44
N ALA A 50 -16.20 13.65 -13.02
CA ALA A 50 -15.30 14.76 -12.72
C ALA A 50 -13.87 14.33 -12.82
N THR A 51 -13.08 15.21 -13.44
CA THR A 51 -11.66 15.05 -13.56
C THR A 51 -11.04 16.18 -12.76
N GLY A 52 -10.39 15.81 -11.68
CA GLY A 52 -9.77 16.73 -10.75
C GLY A 52 -10.74 17.22 -9.67
N ARG A 53 -10.13 17.68 -8.60
CA ARG A 53 -10.87 18.00 -7.38
C ARG A 53 -11.83 19.18 -7.56
N ASP A 54 -11.44 20.18 -8.34
CA ASP A 54 -12.32 21.34 -8.53
C ASP A 54 -13.57 20.96 -9.27
N ALA A 55 -13.43 20.12 -10.30
CA ALA A 55 -14.58 19.62 -11.06
C ALA A 55 -15.47 18.80 -10.12
N TYR A 56 -14.84 18.04 -9.22
CA TYR A 56 -15.61 17.20 -8.27
C TYR A 56 -16.42 18.12 -7.34
N LYS A 57 -15.78 19.18 -6.89
CA LYS A 57 -16.46 20.13 -6.00
C LYS A 57 -17.72 20.64 -6.68
N LYS A 58 -17.66 20.82 -7.99
CA LYS A 58 -18.79 21.38 -8.73
C LYS A 58 -19.95 20.42 -8.75
N THR A 59 -19.66 19.12 -8.63
CA THR A 59 -20.72 18.10 -8.70
C THR A 59 -21.53 18.10 -7.39
N LEU A 60 -21.04 18.85 -6.42
CA LEU A 60 -21.64 18.86 -5.08
C LEU A 60 -22.61 20.00 -4.94
N GLU A 61 -22.59 20.87 -5.95
CA GLU A 61 -23.48 22.02 -5.95
C GLU A 61 -24.94 21.55 -5.95
N GLY A 62 -25.74 22.11 -5.05
CA GLY A 62 -27.17 21.84 -5.05
C GLY A 62 -27.67 20.75 -4.14
N ILE A 63 -26.72 20.06 -3.50
CA ILE A 63 -27.06 19.00 -2.51
C ILE A 63 -28.08 19.56 -1.53
N GLY A 64 -27.88 20.81 -1.15
CA GLY A 64 -28.67 21.43 -0.10
C GLY A 64 -30.00 21.94 -0.59
N THR A 65 -30.10 22.10 -1.90
CA THR A 65 -31.25 22.76 -2.51
C THR A 65 -32.20 21.78 -3.18
N PHE A 66 -31.64 20.74 -3.80
N PHE A 66 -31.60 20.76 -3.77
CA PHE A 66 -32.45 19.76 -4.52
CA PHE A 66 -32.30 19.71 -4.52
C PHE A 66 -32.95 18.61 -3.63
C PHE A 66 -32.96 18.68 -3.60
N PHE A 67 -32.32 18.45 -2.47
CA PHE A 67 -32.73 17.43 -1.50
C PHE A 67 -32.99 18.05 -0.14
N ARG A 68 -34.02 17.57 0.51
N ARG A 68 -34.03 17.55 0.50
CA ARG A 68 -34.29 17.92 1.91
CA ARG A 68 -34.34 17.89 1.89
C ARG A 68 -33.46 17.04 2.82
C ARG A 68 -33.44 17.06 2.79
N GLY A 69 -33.07 15.88 2.30
CA GLY A 69 -32.25 14.94 3.07
C GLY A 69 -31.84 13.76 2.23
N THR A 70 -30.74 13.15 2.66
CA THR A 70 -30.26 11.89 2.10
C THR A 70 -29.80 10.99 3.24
N SER A 71 -29.81 9.68 2.97
CA SER A 71 -29.27 8.71 3.89
C SER A 71 -28.46 7.68 3.11
N HIS A 72 -27.18 7.56 3.48
CA HIS A 72 -26.28 6.63 2.83
C HIS A 72 -25.84 5.55 3.80
N HIS A 73 -26.01 4.33 3.32
CA HIS A 73 -25.74 3.12 4.07
C HIS A 73 -24.71 2.33 3.26
N ASN A 74 -23.49 2.20 3.77
CA ASN A 74 -22.37 1.62 3.06
C ASN A 74 -21.98 0.35 3.70
N SER A 75 -21.93 -0.73 2.93
CA SER A 75 -21.70 -2.04 3.49
C SER A 75 -20.88 -2.87 2.51
N ASN A 76 -20.58 -4.10 2.89
CA ASN A 76 -19.96 -5.05 1.98
C ASN A 76 -18.63 -4.53 1.47
N ILE A 77 -17.83 -3.92 2.35
CA ILE A 77 -16.58 -3.27 1.98
C ILE A 77 -15.44 -4.28 1.88
N CYS A 78 -14.85 -4.37 0.69
CA CYS A 78 -13.77 -5.33 0.32
C CYS A 78 -12.56 -4.51 -0.06
N ILE A 79 -11.46 -4.72 0.62
CA ILE A 79 -10.25 -3.91 0.45
C ILE A 79 -9.08 -4.78 0.04
N ASP A 80 -8.45 -4.41 -1.06
CA ASP A 80 -7.22 -5.07 -1.55
C ASP A 80 -6.13 -4.02 -1.58
N PHE A 81 -5.10 -4.22 -0.77
CA PHE A 81 -3.98 -3.30 -0.75
C PHE A 81 -3.03 -3.50 -1.93
N VAL A 82 -2.74 -2.39 -2.62
CA VAL A 82 -1.64 -2.39 -3.60
C VAL A 82 -0.36 -2.28 -2.81
N SER A 83 -0.31 -1.27 -1.95
CA SER A 83 0.76 -1.06 -1.02
C SER A 83 0.19 -0.54 0.29
N GLU A 84 1.02 -0.15 1.22
CA GLU A 84 0.53 0.35 2.51
C GLU A 84 -0.10 1.75 2.36
N THR A 85 0.02 2.38 1.20
CA THR A 85 -0.57 3.71 0.98
C THR A 85 -1.45 3.79 -0.24
N GLU A 86 -1.88 2.62 -0.72
CA GLU A 86 -2.77 2.53 -1.89
C GLU A 86 -3.58 1.28 -1.85
N ALA A 87 -4.90 1.43 -1.93
CA ALA A 87 -5.78 0.28 -1.90
C ALA A 87 -6.90 0.46 -2.89
N ASN A 88 -7.38 -0.67 -3.37
CA ASN A 88 -8.53 -0.78 -4.25
C ASN A 88 -9.68 -1.35 -3.38
N VAL A 89 -10.83 -0.71 -3.50
CA VAL A 89 -11.97 -1.06 -2.65
C VAL A 89 -13.22 -1.29 -3.48
N ARG A 90 -13.98 -2.32 -3.14
CA ARG A 90 -15.29 -2.58 -3.73
C ARG A 90 -16.27 -2.56 -2.60
N SER A 91 -17.40 -1.88 -2.77
CA SER A 91 -18.40 -1.83 -1.72
C SER A 91 -19.80 -1.63 -2.30
N VAL A 92 -20.77 -1.84 -1.44
CA VAL A 92 -22.19 -1.69 -1.78
C VAL A 92 -22.75 -0.48 -1.08
N VAL A 93 -23.63 0.24 -1.79
CA VAL A 93 -24.31 1.41 -1.24
C VAL A 93 -25.80 1.34 -1.46
N LEU A 94 -26.52 1.74 -0.42
CA LEU A 94 -27.95 2.03 -0.45
C LEU A 94 -28.06 3.53 -0.13
N ALA A 95 -28.61 4.32 -1.05
CA ALA A 95 -28.68 5.75 -0.87
C ALA A 95 -30.11 6.21 -1.13
N ILE A 96 -30.71 6.81 -0.11
CA ILE A 96 -32.12 7.27 -0.19
C ILE A 96 -32.10 8.80 -0.23
N HIS A 97 -32.86 9.32 -1.17
CA HIS A 97 -32.94 10.75 -1.40
C HIS A 97 -34.36 11.31 -1.27
N ARG A 98 -34.51 12.27 -0.37
CA ARG A 98 -35.83 12.93 -0.14
C ARG A 98 -35.69 14.29 -0.84
N TYR A 99 -36.49 14.43 -1.88
CA TYR A 99 -36.38 15.59 -2.75
C TYR A 99 -37.07 16.82 -2.17
N THR A 100 -36.59 17.98 -2.62
N THR A 100 -36.60 17.98 -2.61
CA THR A 100 -37.19 19.27 -2.25
CA THR A 100 -37.25 19.25 -2.26
C THR A 100 -38.48 19.49 -3.05
C THR A 100 -38.58 19.29 -3.01
N LYS A 101 -38.48 19.01 -4.29
CA LYS A 101 -39.69 18.91 -5.12
C LYS A 101 -40.54 17.74 -4.65
N GLU A 102 -41.84 17.84 -4.84
CA GLU A 102 -42.79 16.79 -4.46
C GLU A 102 -42.78 15.58 -5.36
N ARG A 103 -42.07 14.55 -4.92
CA ARG A 103 -41.97 13.29 -5.66
C ARG A 103 -41.48 12.23 -4.68
N PRO A 104 -41.74 10.96 -4.99
CA PRO A 104 -41.31 9.92 -4.07
C PRO A 104 -39.80 9.93 -3.80
N ASP A 105 -39.42 9.41 -2.66
CA ASP A 105 -38.00 9.24 -2.39
C ASP A 105 -37.34 8.45 -3.51
N GLY A 106 -36.11 8.84 -3.83
CA GLY A 106 -35.36 8.22 -4.87
C GLY A 106 -34.31 7.30 -4.26
N ILE A 107 -34.32 6.06 -4.71
CA ILE A 107 -33.43 5.04 -4.14
C ILE A 107 -32.40 4.60 -5.16
N LEU A 108 -31.12 4.65 -4.73
CA LEU A 108 -30.01 4.13 -5.49
C LEU A 108 -29.47 2.89 -4.78
N TYR A 109 -29.38 1.82 -5.54
CA TYR A 109 -28.70 0.58 -5.13
C TYR A 109 -27.45 0.48 -5.97
N GLY A 110 -26.27 0.56 -5.36
CA GLY A 110 -25.08 0.69 -6.15
C GLY A 110 -23.88 -0.07 -5.62
N GLN A 111 -22.84 -0.01 -6.40
CA GLN A 111 -21.52 -0.54 -6.06
C GLN A 111 -20.51 0.57 -6.28
N TYR A 112 -19.59 0.74 -5.37
CA TYR A 112 -18.46 1.62 -5.59
C TYR A 112 -17.19 0.84 -5.82
N PHE A 113 -16.49 1.24 -6.87
CA PHE A 113 -15.16 0.72 -7.18
C PHE A 113 -14.22 1.91 -7.00
N ASP A 114 -13.45 1.90 -5.94
CA ASP A 114 -12.62 2.99 -5.54
C ASP A 114 -11.14 2.63 -5.48
N THR A 115 -10.30 3.63 -5.71
CA THR A 115 -8.90 3.58 -5.31
C THR A 115 -8.67 4.73 -4.34
N VAL A 116 -8.15 4.36 -3.19
CA VAL A 116 -7.82 5.26 -2.11
C VAL A 116 -6.29 5.27 -1.91
N VAL A 117 -5.79 6.44 -1.52
CA VAL A 117 -4.36 6.63 -1.27
C VAL A 117 -4.19 7.32 0.05
N LYS A 118 -3.09 7.03 0.73
CA LYS A 118 -2.81 7.62 2.02
C LYS A 118 -1.78 8.72 1.88
N VAL A 119 -2.18 9.89 2.30
CA VAL A 119 -1.33 11.08 2.17
C VAL A 119 -1.28 11.82 3.49
N ASP A 120 -0.06 12.02 4.01
N ASP A 120 -0.05 12.03 3.99
CA ASP A 120 0.16 12.78 5.23
CA ASP A 120 0.17 12.75 5.25
C ASP A 120 -0.77 12.28 6.35
C ASP A 120 -0.77 12.28 6.35
N GLY A 121 -0.92 10.96 6.42
CA GLY A 121 -1.64 10.34 7.52
C GLY A 121 -3.12 10.14 7.29
N GLN A 122 -3.62 10.59 6.15
CA GLN A 122 -5.06 10.54 5.83
C GLN A 122 -5.34 9.82 4.52
N TRP A 123 -6.28 8.87 4.58
CA TRP A 123 -6.77 8.25 3.37
C TRP A 123 -7.68 9.19 2.63
N LYS A 124 -7.52 9.20 1.33
CA LYS A 124 -8.30 10.02 0.42
C LYS A 124 -8.63 9.25 -0.81
N PHE A 125 -9.73 9.64 -1.43
CA PHE A 125 -10.06 9.09 -2.72
C PHE A 125 -9.20 9.60 -3.84
N LYS A 126 -8.67 8.67 -4.63
CA LYS A 126 -8.02 9.02 -5.90
C LYS A 126 -8.94 8.77 -7.08
N ARG A 127 -9.71 7.68 -7.02
CA ARG A 127 -10.74 7.41 -8.00
C ARG A 127 -11.95 6.79 -7.32
N ARG A 128 -13.13 7.23 -7.74
CA ARG A 128 -14.40 6.56 -7.40
C ARG A 128 -15.19 6.31 -8.65
N GLU A 129 -15.62 5.07 -8.83
CA GLU A 129 -16.47 4.71 -9.93
C GLU A 129 -17.73 4.09 -9.35
N LEU A 130 -18.86 4.74 -9.56
CA LEU A 130 -20.16 4.20 -9.14
C LEU A 130 -20.73 3.38 -10.23
N ARG A 131 -21.10 2.14 -9.88
CA ARG A 131 -21.83 1.26 -10.80
C ARG A 131 -23.22 1.10 -10.21
N THR A 132 -24.26 1.33 -11.01
CA THR A 132 -25.62 1.38 -10.56
C THR A 132 -26.30 0.05 -10.81
N THR A 133 -26.58 -0.65 -9.72
CA THR A 133 -27.25 -1.93 -9.76
C THR A 133 -28.68 -1.80 -10.20
N MSE A 134 -29.34 -0.78 -9.64
N MSE A 134 -29.39 -0.85 -9.59
CA MSE A 134 -30.67 -0.41 -10.04
CA MSE A 134 -30.79 -0.58 -9.90
C MSE A 134 -31.07 0.79 -9.24
C MSE A 134 -31.19 0.67 -9.13
O MSE A 134 -30.39 1.18 -8.29
O MSE A 134 -30.61 0.98 -8.11
CB MSE A 134 -31.65 -1.53 -9.85
CB MSE A 134 -31.71 -1.77 -9.58
CG MSE A 134 -31.60 -2.14 -8.53
CG MSE A 134 -32.25 -1.79 -8.14
SE MSE A 134 -32.20 -3.98 -8.72
SE MSE A 134 -33.64 -3.10 -7.58
CE MSE A 134 -33.06 -4.03 -7.08
CE MSE A 134 -32.45 -4.45 -7.69
N THR A 135 -32.18 1.39 -9.64
CA THR A 135 -32.73 2.57 -8.97
C THR A 135 -34.26 2.54 -8.94
N THR A 136 -34.79 3.30 -8.00
CA THR A 136 -36.22 3.47 -7.88
C THR A 136 -36.58 4.91 -7.69
N ASP A 137 -37.47 5.37 -8.58
CA ASP A 137 -38.00 6.73 -8.51
C ASP A 137 -36.90 7.78 -8.46
N TYR A 138 -35.81 7.47 -9.16
CA TYR A 138 -34.60 8.25 -9.05
C TYR A 138 -34.50 9.36 -10.11
N HIS A 139 -33.54 10.25 -9.90
CA HIS A 139 -33.43 11.51 -10.69
C HIS A 139 -32.31 11.50 -11.68
N VAL A 140 -31.61 10.38 -11.74
CA VAL A 140 -30.53 10.21 -12.69
C VAL A 140 -30.79 9.01 -13.56
N ARG A 141 -30.78 9.24 -14.87
CA ARG A 141 -31.04 8.19 -15.82
C ARG A 141 -29.80 7.45 -16.29
N ALA A 142 -28.77 8.20 -16.63
CA ALA A 142 -27.51 7.64 -17.11
C ALA A 142 -26.84 6.90 -15.96
N ALA A 143 -26.14 5.84 -16.31
CA ALA A 143 -25.43 5.07 -15.29
C ALA A 143 -24.38 4.18 -15.89
N ASN A 144 -23.39 3.83 -15.04
CA ASN A 144 -22.41 2.79 -15.38
C ASN A 144 -23.02 1.48 -14.93
N PRO A 145 -23.14 0.49 -15.80
CA PRO A 145 -23.74 -0.77 -15.37
C PRO A 145 -22.79 -1.56 -14.49
N ILE A 146 -23.36 -2.47 -13.69
CA ILE A 146 -22.51 -3.34 -12.87
C ILE A 146 -21.82 -4.43 -13.67
N GLY A 147 -22.38 -4.72 -14.84
CA GLY A 147 -21.83 -5.78 -15.69
C GLY A 147 -22.40 -7.16 -15.39
N ARG A 148 -23.65 -7.18 -14.97
CA ARG A 148 -24.35 -8.43 -14.62
C ARG A 148 -24.36 -9.41 -15.81
N ALA A 149 -24.05 -10.66 -15.55
CA ALA A 149 -24.03 -11.68 -16.63
C ALA A 149 -25.45 -11.94 -17.05
N GLU A 150 -25.62 -12.14 -18.36
CA GLU A 150 -26.93 -12.40 -18.94
C GLU A 150 -27.09 -13.91 -19.14
N MSE B 2 45.90 -10.57 7.46
CA MSE B 2 46.75 -10.09 6.33
C MSE B 2 45.93 -9.97 5.04
O MSE B 2 44.72 -9.71 5.07
CB MSE B 2 47.91 -11.06 6.11
N THR B 3 46.62 -10.16 3.93
CA THR B 3 45.96 -10.13 2.61
C THR B 3 45.12 -11.39 2.48
N ASP B 4 45.75 -12.50 2.76
CA ASP B 4 45.11 -13.79 2.63
C ASP B 4 43.85 -13.88 3.49
N THR B 5 43.91 -13.32 4.69
CA THR B 5 42.76 -13.44 5.60
C THR B 5 41.64 -12.53 5.12
N ASN B 6 42.06 -11.38 4.65
CA ASN B 6 41.18 -10.42 4.06
C ASN B 6 40.32 -11.06 2.93
N LEU B 7 41.03 -11.68 2.02
CA LEU B 7 40.37 -12.37 0.89
C LEU B 7 39.42 -13.47 1.37
N VAL B 8 39.88 -14.25 2.32
CA VAL B 8 39.07 -15.32 2.89
C VAL B 8 37.79 -14.77 3.52
N GLU B 9 37.94 -13.69 4.28
CA GLU B 9 36.80 -13.13 5.01
C GLU B 9 35.81 -12.50 4.02
N MSE B 10 36.30 -11.95 2.93
CA MSE B 10 35.37 -11.42 1.87
C MSE B 10 34.52 -12.56 1.36
O MSE B 10 33.31 -12.40 1.17
CB MSE B 10 36.13 -10.72 0.74
CG MSE B 10 36.72 -9.41 1.16
SE MSE B 10 37.63 -8.57 -0.32
CE MSE B 10 36.16 -7.72 -1.16
N ARG B 11 35.13 -13.70 1.11
CA ARG B 11 34.36 -14.88 0.68
C ARG B 11 33.35 -15.30 1.72
N ALA B 12 33.75 -15.30 2.99
CA ALA B 12 32.84 -15.72 4.05
C ALA B 12 31.65 -14.75 4.21
N ILE B 13 31.89 -13.45 4.07
CA ILE B 13 30.83 -12.45 4.15
C ILE B 13 29.84 -12.60 3.00
N GLU B 14 30.38 -12.73 1.80
CA GLU B 14 29.53 -12.95 0.62
C GLU B 14 28.71 -14.23 0.79
N ARG B 15 29.34 -15.30 1.24
CA ARG B 15 28.66 -16.57 1.45
C ARG B 15 27.48 -16.38 2.40
N MSE B 16 27.73 -15.63 3.47
CA MSE B 16 26.67 -15.40 4.46
C MSE B 16 25.50 -14.65 3.83
O MSE B 16 24.29 -14.98 4.06
CB MSE B 16 27.26 -14.66 5.66
CG MSE B 16 26.28 -14.45 6.79
SE MSE B 16 25.06 -12.99 6.64
CE MSE B 16 26.38 -11.60 7.12
N MSE B 17 25.82 -13.65 3.02
CA MSE B 17 24.79 -12.84 2.41
C MSE B 17 23.96 -13.66 1.43
O MSE B 17 22.76 -13.45 1.29
CB MSE B 17 25.42 -11.65 1.69
CG MSE B 17 26.12 -10.65 2.61
SE MSE B 17 27.18 -9.34 1.69
CE MSE B 17 25.74 -8.22 0.99
N PHE B 18 24.63 -14.59 0.80
CA PHE B 18 23.95 -15.49 -0.13
C PHE B 18 23.12 -16.52 0.60
N ASP B 19 23.62 -17.01 1.73
CA ASP B 19 22.82 -17.95 2.58
C ASP B 19 21.56 -17.20 3.05
N TYR B 20 21.71 -15.92 3.40
CA TYR B 20 20.58 -15.13 3.79
C TYR B 20 19.51 -15.13 2.70
N SER B 21 19.90 -14.80 1.47
CA SER B 21 18.95 -14.71 0.41
C SER B 21 18.35 -16.07 0.05
N TYR B 22 19.14 -17.11 0.14
CA TYR B 22 18.61 -18.47 -0.05
C TYR B 22 17.53 -18.80 0.96
N HIS B 23 17.85 -18.60 2.22
CA HIS B 23 16.84 -18.85 3.26
C HIS B 23 15.59 -17.99 3.17
N LEU B 24 15.70 -16.81 2.61
CA LEU B 24 14.60 -15.89 2.43
C LEU B 24 13.69 -16.49 1.32
N ASP B 25 14.31 -16.90 0.21
CA ASP B 25 13.55 -17.47 -0.91
C ASP B 25 12.94 -18.81 -0.50
N MSE B 26 13.56 -19.46 0.44
CA MSE B 26 13.06 -20.77 0.92
C MSE B 26 12.01 -20.67 2.03
O MSE B 26 11.51 -21.72 2.51
CB MSE B 26 14.20 -21.60 1.41
CG MSE B 26 15.17 -21.98 0.30
SE MSE B 26 14.42 -23.39 -0.85
CE MSE B 26 14.59 -24.82 0.42
N ASN B 27 11.71 -19.47 2.47
CA ASN B 27 10.80 -19.21 3.61
C ASN B 27 11.27 -19.89 4.86
N HIS B 28 12.51 -19.59 5.24
CA HIS B 28 13.13 -20.09 6.46
C HIS B 28 13.39 -18.93 7.46
N PRO B 29 12.34 -18.37 8.08
CA PRO B 29 12.56 -17.19 8.93
C PRO B 29 13.50 -17.42 10.11
N GLU B 30 13.57 -18.64 10.63
CA GLU B 30 14.42 -18.86 11.81
C GLU B 30 15.90 -18.95 11.41
N GLU B 31 16.16 -19.43 10.18
CA GLU B 31 17.52 -19.46 9.69
C GLU B 31 17.96 -17.99 9.45
N LEU B 32 17.01 -17.18 9.02
CA LEU B 32 17.27 -15.73 8.73
C LEU B 32 17.65 -15.02 10.01
N ALA B 33 16.85 -15.25 11.06
CA ALA B 33 17.07 -14.51 12.29
C ALA B 33 18.40 -14.88 12.91
N ALA B 34 18.84 -16.12 12.67
CA ALA B 34 20.12 -16.63 13.16
C ALA B 34 21.36 -15.93 12.56
N LEU B 35 21.13 -15.23 11.45
CA LEU B 35 22.21 -14.54 10.76
C LEU B 35 22.36 -13.09 11.23
N PHE B 36 21.64 -12.74 12.27
CA PHE B 36 21.77 -11.46 12.94
C PHE B 36 22.28 -11.61 14.35
N VAL B 37 23.07 -10.63 14.77
CA VAL B 37 23.44 -10.56 16.20
C VAL B 37 22.23 -10.07 16.99
N GLU B 38 22.32 -10.28 18.30
CA GLU B 38 21.21 -9.94 19.19
C GLU B 38 20.82 -8.47 19.15
N ASP B 39 21.83 -7.61 19.10
CA ASP B 39 21.59 -6.18 19.12
C ASP B 39 21.69 -5.63 17.70
N CYS B 40 20.90 -6.24 16.82
CA CYS B 40 20.87 -5.85 15.42
C CYS B 40 19.87 -4.76 15.12
N GLU B 41 20.09 -4.13 13.95
CA GLU B 41 19.19 -3.14 13.43
C GLU B 41 18.93 -3.37 11.97
N VAL B 42 17.68 -3.23 11.58
CA VAL B 42 17.30 -3.26 10.16
C VAL B 42 16.45 -2.03 9.85
N SER B 43 16.77 -1.37 8.74
CA SER B 43 16.03 -0.21 8.29
C SER B 43 15.60 -0.40 6.86
N TYR B 44 14.28 -0.45 6.63
CA TYR B 44 13.73 -0.59 5.29
C TYR B 44 13.08 0.68 4.74
N ALA B 45 12.76 1.57 5.66
CA ALA B 45 12.19 2.89 5.36
C ALA B 45 12.24 3.72 6.63
N PRO B 46 11.99 5.03 6.51
CA PRO B 46 12.06 5.83 7.75
C PRO B 46 11.09 5.33 8.82
N ASN B 47 9.98 4.73 8.40
CA ASN B 47 8.94 4.26 9.32
C ASN B 47 8.78 2.76 9.31
N PHE B 48 9.85 2.07 8.92
CA PHE B 48 9.80 0.62 8.78
C PHE B 48 11.18 0.03 9.07
N GLY B 49 11.29 -0.52 10.28
CA GLY B 49 12.54 -1.12 10.73
C GLY B 49 12.34 -1.94 11.99
N ALA B 50 13.45 -2.42 12.49
CA ALA B 50 13.47 -3.28 13.67
C ALA B 50 14.80 -3.30 14.36
N THR B 51 14.75 -3.47 15.68
CA THR B 51 15.93 -3.64 16.49
C THR B 51 15.75 -4.91 17.27
N GLY B 52 16.76 -5.78 17.18
CA GLY B 52 16.71 -7.09 17.79
C GLY B 52 16.09 -8.14 16.89
N ARG B 53 16.38 -9.40 17.18
CA ARG B 53 15.87 -10.50 16.36
C ARG B 53 14.37 -10.69 16.30
N ASP B 54 13.68 -10.51 17.45
CA ASP B 54 12.23 -10.69 17.42
C ASP B 54 11.53 -9.69 16.58
N ALA B 55 11.97 -8.43 16.71
CA ALA B 55 11.37 -7.38 15.93
C ALA B 55 11.68 -7.68 14.46
N TYR B 56 12.89 -8.13 14.21
CA TYR B 56 13.28 -8.48 12.83
C TYR B 56 12.31 -9.56 12.25
N LYS B 57 12.06 -10.57 13.05
CA LYS B 57 11.15 -11.65 12.64
C LYS B 57 9.73 -11.20 12.34
N LYS B 58 9.24 -10.24 13.11
CA LYS B 58 7.93 -9.70 12.83
C LYS B 58 7.86 -9.02 11.47
N THR B 59 9.01 -8.54 10.98
CA THR B 59 9.00 -7.79 9.72
C THR B 59 8.82 -8.78 8.58
N LEU B 60 9.03 -10.05 8.89
CA LEU B 60 8.93 -11.13 7.92
C LEU B 60 7.49 -11.61 7.78
N GLU B 61 6.66 -11.25 8.74
CA GLU B 61 5.29 -11.76 8.74
C GLU B 61 4.69 -11.57 7.37
N GLY B 62 4.14 -12.67 6.85
CA GLY B 62 3.45 -12.69 5.57
C GLY B 62 4.26 -13.37 4.47
N ILE B 63 5.52 -13.64 4.80
CA ILE B 63 6.46 -14.24 3.83
C ILE B 63 5.88 -15.52 3.24
N GLY B 64 5.35 -16.36 4.11
CA GLY B 64 4.88 -17.65 3.67
C GLY B 64 3.48 -17.60 3.08
N THR B 65 2.72 -16.56 3.44
CA THR B 65 1.31 -16.45 3.04
C THR B 65 1.03 -15.46 1.91
N PHE B 66 1.78 -14.37 1.88
CA PHE B 66 1.49 -13.30 0.91
C PHE B 66 2.14 -13.51 -0.46
N PHE B 67 3.17 -14.35 -0.44
CA PHE B 67 3.94 -14.71 -1.65
C PHE B 67 3.92 -16.21 -1.90
N ARG B 68 3.82 -16.57 -3.17
N ARG B 68 3.84 -16.57 -3.17
CA ARG B 68 3.99 -17.96 -3.60
CA ARG B 68 4.01 -17.97 -3.61
C ARG B 68 5.50 -18.25 -3.62
C ARG B 68 5.48 -18.27 -3.84
N GLY B 69 6.26 -17.21 -3.94
CA GLY B 69 7.70 -17.34 -4.07
C GLY B 69 8.35 -15.98 -4.25
N THR B 70 9.63 -15.95 -3.93
CA THR B 70 10.48 -14.78 -4.19
C THR B 70 11.81 -15.31 -4.78
N SER B 71 12.47 -14.39 -5.48
CA SER B 71 13.82 -14.67 -5.98
C SER B 71 14.70 -13.44 -5.75
N HIS B 72 15.83 -13.69 -5.06
CA HIS B 72 16.76 -12.61 -4.73
C HIS B 72 18.12 -12.83 -5.38
N HIS B 73 18.57 -11.77 -6.03
CA HIS B 73 19.80 -11.79 -6.84
C HIS B 73 20.68 -10.69 -6.32
N ASN B 74 21.79 -11.05 -5.67
CA ASN B 74 22.65 -10.11 -4.97
C ASN B 74 23.95 -10.00 -5.69
N SER B 75 24.32 -8.78 -6.01
CA SER B 75 25.50 -8.52 -6.83
C SER B 75 26.21 -7.25 -6.40
N ASN B 76 27.33 -6.93 -7.05
CA ASN B 76 27.97 -5.62 -6.90
C ASN B 76 28.42 -5.40 -5.45
N ILE B 77 28.91 -6.47 -4.84
CA ILE B 77 29.22 -6.48 -3.39
C ILE B 77 30.59 -5.86 -3.16
N CYS B 78 30.58 -4.80 -2.34
CA CYS B 78 31.77 -3.99 -2.03
C CYS B 78 31.99 -4.06 -0.54
N ILE B 79 33.16 -4.57 -0.15
CA ILE B 79 33.48 -4.80 1.27
C ILE B 79 34.70 -3.97 1.72
N ASP B 80 34.49 -3.23 2.78
CA ASP B 80 35.57 -2.47 3.44
C ASP B 80 35.63 -2.91 4.89
N PHE B 81 36.77 -3.44 5.29
CA PHE B 81 36.91 -3.84 6.68
C PHE B 81 37.16 -2.64 7.59
N VAL B 82 36.39 -2.58 8.67
CA VAL B 82 36.65 -1.62 9.76
C VAL B 82 37.78 -2.22 10.60
N SER B 83 37.60 -3.47 10.96
CA SER B 83 38.58 -4.23 11.69
C SER B 83 38.53 -5.69 11.28
N GLU B 84 39.22 -6.54 12.04
CA GLU B 84 39.27 -7.94 11.69
C GLU B 84 37.94 -8.61 11.95
N THR B 85 37.06 -7.99 12.70
CA THR B 85 35.77 -8.63 13.01
C THR B 85 34.55 -7.76 12.68
N GLU B 86 34.79 -6.72 11.90
CA GLU B 86 33.75 -5.79 11.52
C GLU B 86 34.00 -5.26 10.10
N ALA B 87 32.97 -5.28 9.27
CA ALA B 87 33.06 -4.77 7.90
C ALA B 87 31.80 -4.04 7.49
N ASN B 88 32.01 -3.03 6.65
CA ASN B 88 30.95 -2.32 5.98
C ASN B 88 30.82 -2.85 4.55
N VAL B 89 29.57 -3.03 4.13
CA VAL B 89 29.28 -3.62 2.82
C VAL B 89 28.23 -2.81 2.11
N ARG B 90 28.48 -2.56 0.83
CA ARG B 90 27.49 -1.97 -0.04
C ARG B 90 27.26 -2.98 -1.15
N SER B 91 25.99 -3.16 -1.51
CA SER B 91 25.66 -4.09 -2.55
C SER B 91 24.34 -3.74 -3.23
N VAL B 92 24.09 -4.43 -4.33
CA VAL B 92 22.89 -4.26 -5.14
C VAL B 92 22.04 -5.50 -5.01
N VAL B 93 20.72 -5.28 -4.96
CA VAL B 93 19.75 -6.39 -4.95
C VAL B 93 18.67 -6.19 -5.99
N LEU B 94 18.33 -7.30 -6.58
CA LEU B 94 17.15 -7.43 -7.46
C LEU B 94 16.29 -8.45 -6.76
N ALA B 95 15.05 -8.08 -6.39
CA ALA B 95 14.17 -8.99 -5.67
C ALA B 95 12.82 -9.02 -6.36
N ILE B 96 12.46 -10.22 -6.78
CA ILE B 96 11.19 -10.46 -7.47
C ILE B 96 10.24 -11.23 -6.58
N HIS B 97 9.00 -10.76 -6.56
CA HIS B 97 7.96 -11.27 -5.68
C HIS B 97 6.76 -11.75 -6.48
N ARG B 98 6.46 -13.05 -6.30
CA ARG B 98 5.26 -13.64 -6.95
C ARG B 98 4.21 -13.75 -5.84
N TYR B 99 3.17 -12.94 -6.02
CA TYR B 99 2.16 -12.81 -4.99
C TYR B 99 1.15 -13.97 -5.02
N THR B 100 0.60 -14.22 -3.86
CA THR B 100 -0.47 -15.22 -3.74
C THR B 100 -1.73 -14.72 -4.43
N LYS B 101 -2.02 -13.46 -4.15
CA LYS B 101 -3.12 -12.77 -4.82
C LYS B 101 -2.72 -12.46 -6.26
N GLU B 102 -3.69 -12.48 -7.15
CA GLU B 102 -3.46 -12.24 -8.56
C GLU B 102 -3.15 -10.77 -8.84
N ARG B 103 -1.87 -10.49 -9.07
CA ARG B 103 -1.39 -9.16 -9.44
C ARG B 103 0.01 -9.37 -10.04
N PRO B 104 0.52 -8.40 -10.81
CA PRO B 104 1.84 -8.60 -11.40
C PRO B 104 2.94 -8.80 -10.37
N ASP B 105 4.02 -9.45 -10.82
CA ASP B 105 5.16 -9.62 -9.91
C ASP B 105 5.65 -8.27 -9.46
N GLY B 106 6.03 -8.24 -8.20
CA GLY B 106 6.56 -7.05 -7.56
C GLY B 106 8.07 -7.11 -7.59
N ILE B 107 8.66 -6.08 -8.17
N ILE B 107 8.65 -6.04 -8.12
CA ILE B 107 10.10 -6.03 -8.36
CA ILE B 107 10.09 -5.91 -8.26
C ILE B 107 10.70 -4.88 -7.61
C ILE B 107 10.68 -4.86 -7.35
N LEU B 108 11.69 -5.21 -6.77
N LEU B 108 11.77 -5.24 -6.70
CA LEU B 108 12.45 -4.22 -6.03
CA LEU B 108 12.57 -4.34 -5.88
C LEU B 108 13.90 -4.20 -6.49
C LEU B 108 13.94 -4.24 -6.55
N TYR B 109 14.34 -3.01 -6.83
CA TYR B 109 15.72 -2.75 -7.25
C TYR B 109 16.30 -1.90 -6.11
N GLY B 110 17.30 -2.44 -5.44
CA GLY B 110 17.78 -1.80 -4.22
C GLY B 110 19.27 -1.83 -4.02
N GLN B 111 19.66 -1.14 -2.97
CA GLN B 111 21.04 -1.14 -2.47
C GLN B 111 21.02 -1.52 -1.02
N TYR B 112 21.92 -2.37 -0.57
CA TYR B 112 22.07 -2.64 0.86
C TYR B 112 23.34 -2.00 1.35
N PHE B 113 23.21 -1.30 2.45
CA PHE B 113 24.33 -0.74 3.22
C PHE B 113 24.31 -1.50 4.53
N ASP B 114 25.25 -2.39 4.67
CA ASP B 114 25.30 -3.32 5.79
C ASP B 114 26.53 -3.17 6.62
N THR B 115 26.41 -3.46 7.91
CA THR B 115 27.57 -3.66 8.79
C THR B 115 27.49 -5.11 9.27
N VAL B 116 28.57 -5.87 9.02
CA VAL B 116 28.66 -7.23 9.42
C VAL B 116 29.74 -7.39 10.48
N VAL B 117 29.50 -8.29 11.41
CA VAL B 117 30.46 -8.55 12.47
C VAL B 117 30.68 -10.04 12.59
N LYS B 118 31.88 -10.41 13.02
CA LYS B 118 32.24 -11.80 13.17
C LYS B 118 32.21 -12.19 14.63
N VAL B 119 31.34 -13.16 14.92
CA VAL B 119 31.13 -13.64 16.28
C VAL B 119 31.25 -15.13 16.31
N ASP B 120 32.18 -15.60 17.14
CA ASP B 120 32.41 -17.04 17.33
C ASP B 120 32.58 -17.74 16.01
N GLY B 121 33.35 -17.09 15.16
CA GLY B 121 33.78 -17.67 13.89
C GLY B 121 32.81 -17.51 12.73
N GLN B 122 31.70 -16.84 12.98
CA GLN B 122 30.65 -16.65 11.98
C GLN B 122 30.33 -15.18 11.73
N TRP B 123 30.26 -14.79 10.46
CA TRP B 123 29.79 -13.45 10.13
C TRP B 123 28.28 -13.37 10.25
N LYS B 124 27.84 -12.29 10.87
CA LYS B 124 26.46 -11.95 11.07
C LYS B 124 26.19 -10.50 10.78
N PHE B 125 24.93 -10.18 10.50
CA PHE B 125 24.53 -8.80 10.34
C PHE B 125 24.40 -8.12 11.70
N LYS B 126 25.02 -6.92 11.80
CA LYS B 126 24.77 -6.02 12.92
C LYS B 126 23.77 -4.96 12.48
N ARG B 127 23.90 -4.47 11.24
CA ARG B 127 22.95 -3.52 10.68
C ARG B 127 22.76 -3.79 9.21
N ARG B 128 21.49 -3.71 8.78
CA ARG B 128 21.16 -3.69 7.35
C ARG B 128 20.30 -2.51 7.07
N GLU B 129 20.71 -1.70 6.10
CA GLU B 129 19.93 -0.57 5.64
C GLU B 129 19.66 -0.73 4.15
N LEU B 130 18.40 -0.94 3.82
CA LEU B 130 17.97 -1.01 2.43
C LEU B 130 17.68 0.37 1.90
N ARG B 131 18.27 0.76 0.78
CA ARG B 131 17.89 1.92 0.05
C ARG B 131 17.23 1.47 -1.22
N THR B 132 16.08 2.03 -1.52
CA THR B 132 15.29 1.56 -2.66
C THR B 132 15.54 2.41 -3.87
N THR B 133 16.18 1.85 -4.88
CA THR B 133 16.46 2.54 -6.14
C THR B 133 15.23 2.82 -6.96
N MSE B 134 14.41 1.78 -7.10
N MSE B 134 14.35 1.83 -6.98
CA MSE B 134 13.16 1.85 -7.86
CA MSE B 134 13.09 1.91 -7.70
C MSE B 134 12.37 0.57 -7.59
C MSE B 134 12.36 0.62 -7.43
O MSE B 134 12.94 -0.48 -7.29
O MSE B 134 12.94 -0.36 -6.95
CB MSE B 134 13.42 2.04 -9.38
CB MSE B 134 13.29 2.15 -9.21
CG MSE B 134 13.07 0.86 -10.27
CG MSE B 134 14.29 1.23 -9.90
SE MSE B 134 13.49 0.99 -12.21
SE MSE B 134 14.75 1.76 -11.75
CE MSE B 134 15.14 1.98 -12.08
CE MSE B 134 14.77 3.52 -11.24
N THR B 135 11.04 0.67 -7.67
CA THR B 135 10.19 -0.53 -7.59
C THR B 135 9.18 -0.59 -8.74
N THR B 136 8.67 -1.77 -8.97
CA THR B 136 7.64 -1.98 -9.99
C THR B 136 6.56 -2.87 -9.44
N ASP B 137 5.33 -2.35 -9.50
CA ASP B 137 4.14 -3.09 -9.09
C ASP B 137 4.26 -3.66 -7.67
N TYR B 138 4.93 -2.91 -6.82
CA TYR B 138 5.37 -3.41 -5.55
C TYR B 138 4.39 -3.13 -4.41
N HIS B 139 4.61 -3.76 -3.29
CA HIS B 139 3.66 -3.72 -2.16
C HIS B 139 4.06 -2.86 -1.04
N VAL B 140 5.18 -2.18 -1.17
CA VAL B 140 5.66 -1.22 -0.19
C VAL B 140 5.97 0.06 -0.92
N ARG B 141 5.42 1.18 -0.44
CA ARG B 141 5.67 2.48 -1.00
C ARG B 141 6.79 3.22 -0.28
N ALA B 142 6.76 3.16 1.05
CA ALA B 142 7.79 3.83 1.88
C ALA B 142 9.16 3.31 1.46
N ALA B 143 10.16 4.18 1.53
CA ALA B 143 11.53 3.76 1.16
C ALA B 143 12.54 4.71 1.73
N ASN B 144 13.72 4.17 2.01
CA ASN B 144 14.90 5.00 2.22
C ASN B 144 15.43 5.33 0.82
N PRO B 145 15.60 6.59 0.46
CA PRO B 145 16.11 6.87 -0.89
C PRO B 145 17.58 6.51 -1.01
N ILE B 146 18.02 6.30 -2.26
CA ILE B 146 19.45 6.08 -2.50
C ILE B 146 20.24 7.36 -2.41
N GLY B 147 19.56 8.48 -2.54
CA GLY B 147 20.25 9.79 -2.62
C GLY B 147 20.82 10.20 -3.96
N ARG B 148 20.10 9.82 -4.99
CA ARG B 148 20.47 10.13 -6.36
C ARG B 148 20.58 11.64 -6.50
N ALA B 149 21.66 12.12 -7.09
CA ALA B 149 21.84 13.55 -7.31
C ALA B 149 20.82 14.04 -8.31
N GLU B 150 20.41 15.28 -8.11
CA GLU B 150 19.47 15.89 -9.02
C GLU B 150 20.25 16.35 -10.26
MG MG C . -8.09 25.73 -5.62
C1 PEG D . -29.61 -0.56 -14.07
O1 PEG D . -29.73 0.85 -13.87
C2 PEG D . -30.91 -1.24 -13.65
O2 PEG D . -31.02 -2.60 -14.06
C3 PEG D . -32.16 -3.24 -13.44
C4 PEG D . -33.44 -3.00 -14.25
O4 PEG D . -34.10 -1.75 -13.91
C1 PEG E . -10.66 9.31 13.04
O1 PEG E . -10.85 9.99 14.28
C2 PEG E . -10.58 10.32 11.89
O2 PEG E . -9.20 10.52 11.59
C3 PEG E . -8.90 10.90 10.25
C4 PEG E . -7.56 10.30 9.89
O4 PEG E . -6.50 11.08 10.48
C1 PEG F . -42.67 16.88 -9.37
O1 PEG F . -43.00 17.95 -8.48
C2 PEG F . -41.16 16.77 -9.46
O2 PEG F . -40.85 15.88 -10.53
C3 PEG F . -41.79 14.82 -10.61
C4 PEG F . -41.09 13.64 -11.24
O4 PEG F . -41.70 12.44 -10.77
C1 PGE G . 2.05 7.62 7.98
O1 PGE G . 1.21 6.70 7.28
C2 PGE G . 1.26 8.40 9.01
O2 PGE G . 0.23 7.57 9.56
C3 PGE G . -0.49 8.22 10.60
C4 PGE G . -1.24 7.23 11.48
O4 PGE G . -4.07 5.17 9.30
C6 PGE G . -3.72 4.61 10.56
C5 PGE G . -2.96 5.65 11.39
O3 PGE G . -1.84 6.20 10.68
C1 PGE H . -6.40 9.63 -11.04
O1 PGE H . -5.27 10.04 -11.83
C2 PGE H . -6.81 8.20 -11.36
O2 PGE H . -6.15 7.34 -10.44
C3 PGE H . -6.56 5.98 -10.50
C4 PGE H . -5.40 5.09 -10.08
O4 PGE H . -2.00 6.57 -7.71
C6 PGE H . -2.82 5.43 -7.46
C5 PGE H . -3.48 4.99 -8.75
O3 PGE H . -4.77 5.59 -8.91
C1 PGE I . -9.40 -0.56 -9.89
O1 PGE I . -7.98 -0.75 -10.05
C2 PGE I . -9.76 -0.64 -8.42
O2 PGE I . -11.17 -0.54 -8.21
C3 PGE I . -11.60 -1.28 -7.07
C4 PGE I . -11.32 -2.76 -7.25
O4 PGE I . -12.01 -5.91 -4.07
C6 PGE I . -11.32 -4.65 -4.12
C5 PGE I . -10.96 -4.38 -5.57
O3 PGE I . -11.87 -3.44 -6.14
C1 PGE J . -10.44 -7.49 3.05
O1 PGE J . -11.54 -7.26 2.17
C2 PGE J . -10.17 -8.97 3.30
O2 PGE J . -9.03 -9.14 4.13
C3 PGE J . -8.73 -10.53 4.18
C4 PGE J . -7.80 -10.94 5.35
O4 PGE J . -3.92 -8.95 6.94
C6 PGE J . -5.31 -8.61 6.79
C5 PGE J . -5.92 -9.52 5.72
O3 PGE J . -7.27 -9.81 6.05
O1 PG4 K . -45.97 10.30 -3.83
C1 PG4 K . -46.03 11.49 -4.62
C2 PG4 K . -45.24 12.59 -3.92
O2 PG4 K . -44.33 12.01 -2.98
C3 PG4 K . -44.20 12.83 -1.81
C4 PG4 K . -43.01 12.45 -0.93
O3 PG4 K . -42.88 11.04 -0.76
C5 PG4 K . -41.82 10.82 0.17
C6 PG4 K . -41.68 9.36 0.48
O4 PG4 K . -41.51 8.56 -0.71
C7 PG4 K . -41.37 7.20 -0.30
C8 PG4 K . -41.37 6.32 -1.55
O5 PG4 K . -42.67 6.37 -2.15
C1 PEG L . 27.86 0.34 4.55
O1 PEG L . 27.73 0.84 5.88
C2 PEG L . 28.84 1.22 3.78
O2 PEG L . 29.73 0.39 3.06
C3 PEG L . 30.35 0.96 1.91
C4 PEG L . 31.59 0.14 1.68
O4 PEG L . 32.57 0.75 2.54
C1 PEG M . 41.04 -7.37 8.70
O1 PEG M . 41.98 -6.33 8.43
C2 PEG M . 40.78 -8.25 7.47
O2 PEG M . 39.93 -9.34 7.79
C3 PEG M . 40.48 -10.34 8.70
C4 PEG M . 39.27 -10.72 9.55
O4 PEG M . 39.34 -11.71 10.60
O1 PG4 N . 8.58 6.06 -10.47
C1 PG4 N . 9.06 6.04 -9.14
C2 PG4 N . 10.52 5.62 -9.23
O2 PG4 N . 11.34 6.76 -9.41
C3 PG4 N . 12.68 6.35 -9.23
C4 PG4 N . 12.88 6.47 -7.74
O3 PG4 N . 12.12 5.45 -7.12
C5 PG4 N . 12.56 5.56 -5.77
C6 PG4 N . 12.01 4.45 -4.93
O4 PG4 N . 10.60 4.54 -4.81
C7 PG4 N . 10.23 3.64 -3.77
C8 PG4 N . 8.89 3.02 -4.10
O5 PG4 N . 7.92 4.07 -4.02
O1 PG4 O . 16.38 11.87 -7.25
C1 PG4 O . 16.45 12.58 -5.97
C2 PG4 O . 17.18 11.88 -4.80
O2 PG4 O . 16.36 11.34 -3.71
C3 PG4 O . 16.37 11.78 -2.30
C4 PG4 O . 17.65 12.25 -1.55
O3 PG4 O . 17.77 11.73 -0.20
C5 PG4 O . 18.84 10.78 0.03
C6 PG4 O . 19.31 10.39 1.43
O4 PG4 O . 20.26 9.31 1.33
C7 PG4 O . 21.55 9.84 0.99
C8 PG4 O . 22.66 8.80 0.81
O5 PG4 O . 23.80 9.39 0.14
O1 PG4 P . -2.93 -8.10 -14.05
C1 PG4 P . -2.76 -9.26 -13.24
C2 PG4 P . -1.35 -9.79 -13.50
O2 PG4 P . -1.31 -11.19 -13.76
C3 PG4 P . -1.15 -11.89 -12.52
C4 PG4 P . 0.13 -12.74 -12.44
O3 PG4 P . 1.26 -12.13 -13.08
C5 PG4 P . 2.47 -12.70 -12.58
C6 PG4 P . 3.60 -12.24 -13.49
O4 PG4 P . 3.76 -10.84 -13.40
C7 PG4 P . 4.68 -10.43 -14.39
C8 PG4 P . 4.82 -8.93 -14.44
O5 PG4 P . 3.77 -8.39 -15.26
#